data_5O0J
#
_entry.id   5O0J
#
_cell.length_a   115.838
_cell.length_b   74.714
_cell.length_c   62.951
_cell.angle_alpha   90.000
_cell.angle_beta   99.460
_cell.angle_gamma   90.000
#
_symmetry.space_group_name_H-M   'C 1 2 1'
#
loop_
_entity.id
_entity.type
_entity.pdbx_description
1 polymer 'ADP-dependent glucokinase'
2 non-polymer "8-BROMO-ADENOSINE-5'-MONOPHOSPHATE"
3 non-polymer alpha-D-glucopyranose
4 water water
#
_entity_poly.entity_id   1
_entity_poly.type   'polypeptide(L)'
_entity_poly.pdbx_seq_one_letter_code
;TNWESLYEKALDKVEASIRKVRGVLLAYNTNIDAIKYLKREDLEKRIEKVGKEEVLRYSEELPKEIETIPQLLGSILWSI
KRGKAAELLVVSREVREYMRKWGWDELRMGGQVGIMANLLGGVYGIPVIAHVPQLSELQASLFLDGPIYVPTFERGELRL
IHPREFRKGEEDCIHYIYEFPRNFKVLDFEAPRENRFIGAADDYNPILYVREEWIERFEEIAKRSELAIISGLHPLTQEN
HGKPIKLVREHLKILNDLGIRAHLEFAFTPDEVVRLEIVKLLKHFYSVGLNEVELASVVSVMGEKELAERIISKDPADPI
AVIEGLLKLIKETGVKRIHFHTYGYYLALTREKGEHVRDALLFSALAAATKAMKGNIEKLSDIREGLAVPIGEQGLEVEK
ILEKEFSLRDGIGSIEDYQLTFIPTKVVKKPKSTVGIGDTISSSAFVSEFSLH
;
_entity_poly.pdbx_strand_id   A
#
loop_
_chem_comp.id
_chem_comp.type
_chem_comp.name
_chem_comp.formula
8BR non-polymer 8-BROMO-ADENOSINE-5'-MONOPHOSPHATE 'C10 H13 Br N5 O7 P'
GLC D-saccharide, alpha linking alpha-D-glucopyranose 'C6 H12 O6'
#
# COMPACT_ATOMS: atom_id res chain seq x y z
N THR A 1 3.07 -0.04 -29.36
CA THR A 1 1.89 -0.52 -28.63
C THR A 1 0.83 0.58 -28.53
N ASN A 2 -0.41 0.26 -28.90
CA ASN A 2 -1.51 1.20 -28.76
C ASN A 2 -2.02 1.11 -27.32
N TRP A 3 -1.27 1.75 -26.43
CA TRP A 3 -1.62 1.68 -25.01
C TRP A 3 -2.93 2.39 -24.70
N GLU A 4 -3.25 3.48 -25.41
CA GLU A 4 -4.52 4.15 -25.14
C GLU A 4 -5.70 3.23 -25.45
N SER A 5 -5.63 2.50 -26.56
CA SER A 5 -6.68 1.55 -26.88
C SER A 5 -6.77 0.43 -25.84
N LEU A 6 -5.62 -0.09 -25.40
CA LEU A 6 -5.65 -1.12 -24.37
C LEU A 6 -6.24 -0.60 -23.06
N TYR A 7 -5.89 0.63 -22.66
CA TYR A 7 -6.43 1.21 -21.44
C TYR A 7 -7.94 1.29 -21.49
N GLU A 8 -8.48 1.78 -22.60
CA GLU A 8 -9.93 1.94 -22.72
C GLU A 8 -10.63 0.59 -22.69
N LYS A 9 -10.09 -0.41 -23.40
CA LYS A 9 -10.70 -1.73 -23.41
C LYS A 9 -10.62 -2.39 -22.05
N ALA A 10 -9.54 -2.17 -21.31
CA ALA A 10 -9.41 -2.77 -19.99
C ALA A 10 -10.42 -2.17 -19.02
N LEU A 11 -10.66 -0.87 -19.11
CA LEU A 11 -11.64 -0.26 -18.22
C LEU A 11 -13.03 -0.88 -18.42
N ASP A 12 -13.45 -1.02 -19.68
CA ASP A 12 -14.78 -1.55 -19.94
C ASP A 12 -14.90 -3.01 -19.53
N LYS A 13 -13.87 -3.81 -19.80
CA LYS A 13 -13.89 -5.21 -19.41
C LYS A 13 -13.98 -5.39 -17.90
N VAL A 14 -13.21 -4.59 -17.13
CA VAL A 14 -13.23 -4.77 -15.68
C VAL A 14 -14.52 -4.24 -15.09
N GLU A 15 -15.04 -3.13 -15.61
CA GLU A 15 -16.30 -2.62 -15.09
C GLU A 15 -17.42 -3.64 -15.23
N ALA A 16 -17.38 -4.45 -16.28
CA ALA A 16 -18.39 -5.48 -16.50
C ALA A 16 -18.25 -6.65 -15.54
N SER A 17 -17.09 -6.83 -14.90
CA SER A 17 -16.82 -8.03 -14.11
C SER A 17 -16.60 -7.78 -12.63
N ILE A 18 -16.26 -6.56 -12.23
CA ILE A 18 -15.70 -6.32 -10.90
C ILE A 18 -16.69 -6.63 -9.79
N ARG A 19 -17.99 -6.44 -10.04
CA ARG A 19 -18.96 -6.72 -8.98
C ARG A 19 -19.23 -8.21 -8.80
N LYS A 20 -18.64 -9.07 -9.62
CA LYS A 20 -18.88 -10.51 -9.48
C LYS A 20 -18.36 -11.07 -8.16
N VAL A 21 -17.44 -10.38 -7.50
CA VAL A 21 -16.71 -10.92 -6.38
C VAL A 21 -17.62 -11.04 -5.16
N ARG A 22 -17.67 -12.24 -4.56
CA ARG A 22 -18.63 -12.49 -3.49
C ARG A 22 -18.32 -11.69 -2.23
N GLY A 23 -17.03 -11.48 -1.93
CA GLY A 23 -16.63 -10.71 -0.77
C GLY A 23 -15.13 -10.71 -0.59
N VAL A 24 -14.60 -9.67 0.05
CA VAL A 24 -13.16 -9.54 0.28
C VAL A 24 -12.92 -9.28 1.76
N LEU A 25 -12.14 -10.15 2.41
CA LEU A 25 -11.72 -9.94 3.78
C LEU A 25 -10.51 -9.03 3.81
N LEU A 26 -10.53 -8.02 4.68
CA LEU A 26 -9.44 -7.04 4.82
C LEU A 26 -8.99 -6.98 6.27
N ALA A 27 -7.71 -7.27 6.51
CA ALA A 27 -7.13 -7.21 7.87
C ALA A 27 -5.65 -6.83 7.76
N TYR A 28 -5.05 -6.13 8.74
CA TYR A 28 -5.61 -5.84 10.06
C TYR A 28 -5.65 -4.35 10.44
N ASN A 29 -4.89 -3.49 9.76
CA ASN A 29 -4.67 -2.13 10.23
C ASN A 29 -5.64 -1.13 9.59
N THR A 30 -6.46 -0.49 10.42
CA THR A 30 -7.27 0.66 10.06
C THR A 30 -6.92 1.80 11.01
N ASN A 31 -6.85 3.02 10.49
CA ASN A 31 -6.59 4.17 11.36
C ASN A 31 -7.19 5.41 10.72
N ILE A 32 -6.98 6.56 11.38
CA ILE A 32 -7.33 7.87 10.84
C ILE A 32 -6.04 8.54 10.35
N ASP A 33 -6.06 9.09 9.15
CA ASP A 33 -4.92 9.83 8.62
C ASP A 33 -5.20 11.33 8.74
N ALA A 34 -4.28 12.05 9.39
CA ALA A 34 -4.37 13.50 9.54
C ALA A 34 -3.31 14.10 8.63
N ILE A 35 -3.74 14.77 7.58
CA ILE A 35 -2.86 15.11 6.46
C ILE A 35 -2.43 16.56 6.57
N LYS A 36 -1.12 16.78 6.48
CA LYS A 36 -0.52 18.11 6.43
C LYS A 36 0.19 18.29 5.10
N TYR A 37 -0.16 19.33 4.36
CA TYR A 37 0.56 19.69 3.13
C TYR A 37 1.74 20.59 3.51
N LEU A 38 2.95 20.03 3.48
CA LEU A 38 4.13 20.77 3.93
C LEU A 38 4.34 22.03 3.11
N LYS A 39 4.78 23.09 3.79
CA LYS A 39 5.14 24.35 3.16
C LYS A 39 6.54 24.75 3.61
N ARG A 40 7.32 25.32 2.70
CA ARG A 40 8.74 25.52 2.92
C ARG A 40 9.01 26.43 4.12
N GLU A 41 8.32 27.58 4.19
CA GLU A 41 8.59 28.53 5.26
C GLU A 41 8.26 27.93 6.62
N ASP A 42 7.10 27.27 6.75
CA ASP A 42 6.72 26.67 8.03
C ASP A 42 7.75 25.63 8.46
N LEU A 43 8.17 24.78 7.52
CA LEU A 43 9.12 23.73 7.89
C LEU A 43 10.48 24.32 8.26
N GLU A 44 10.95 25.31 7.48
CA GLU A 44 12.25 25.92 7.76
C GLU A 44 12.27 26.60 9.13
N LYS A 45 11.18 27.28 9.50
CA LYS A 45 11.14 27.95 10.80
C LYS A 45 11.10 26.93 11.94
N ARG A 46 10.36 25.84 11.75
CA ARG A 46 10.33 24.77 12.76
C ARG A 46 11.70 24.12 12.92
N ILE A 47 12.42 23.93 11.81
CA ILE A 47 13.77 23.36 11.87
C ILE A 47 14.73 24.33 12.58
N GLU A 48 14.67 25.61 12.23
CA GLU A 48 15.53 26.60 12.86
C GLU A 48 15.28 26.67 14.38
N LYS A 49 14.02 26.69 14.78
CA LYS A 49 13.67 26.79 16.19
C LYS A 49 14.14 25.57 16.97
N VAL A 50 14.23 24.43 16.32
CA VAL A 50 14.56 23.19 17.00
C VAL A 50 16.07 22.93 17.02
N GLY A 51 16.81 23.45 16.06
CA GLY A 51 18.23 23.20 15.96
C GLY A 51 18.55 22.58 14.62
N LYS A 52 18.98 23.40 13.67
CA LYS A 52 19.13 22.96 12.28
C LYS A 52 20.15 21.83 12.17
N GLU A 53 21.31 22.00 12.81
CA GLU A 53 22.37 20.99 12.71
C GLU A 53 21.87 19.63 13.18
N GLU A 54 21.12 19.59 14.28
CA GLU A 54 20.62 18.33 14.81
C GLU A 54 19.59 17.71 13.87
N VAL A 55 18.71 18.54 13.30
CA VAL A 55 17.74 18.01 12.32
C VAL A 55 18.48 17.42 11.13
N LEU A 56 19.49 18.13 10.62
CA LEU A 56 20.25 17.64 9.48
C LEU A 56 20.91 16.31 9.80
N ARG A 57 21.52 16.20 10.99
CA ARG A 57 22.09 14.92 11.42
C ARG A 57 21.07 13.80 11.31
N TYR A 58 19.84 14.04 11.79
CA TYR A 58 18.86 12.97 11.70
C TYR A 58 18.39 12.74 10.28
N SER A 59 18.50 13.75 9.39
CA SER A 59 18.13 13.56 7.98
C SER A 59 19.15 12.71 7.22
N GLU A 60 20.34 12.50 7.77
CA GLU A 60 21.35 11.65 7.16
C GLU A 60 21.54 10.33 7.88
N GLU A 61 20.86 10.12 9.00
CA GLU A 61 20.97 8.86 9.75
C GLU A 61 19.74 8.00 9.53
N LEU A 62 19.91 6.69 9.69
CA LEU A 62 18.79 5.75 9.52
C LEU A 62 17.63 6.12 10.42
N PRO A 63 16.44 6.32 9.89
CA PRO A 63 15.27 6.58 10.76
C PRO A 63 15.03 5.44 11.74
N LYS A 64 14.87 5.79 13.01
CA LYS A 64 14.41 4.91 14.07
C LYS A 64 13.17 5.55 14.69
N GLU A 65 12.50 4.83 15.59
CA GLU A 65 11.31 5.37 16.22
C GLU A 65 11.59 6.75 16.80
N ILE A 66 10.60 7.62 16.72
CA ILE A 66 10.77 9.03 16.99
C ILE A 66 10.49 9.29 18.47
N GLU A 67 11.48 9.83 19.18
CA GLU A 67 11.31 10.25 20.57
C GLU A 67 11.46 11.75 20.79
N THR A 68 12.11 12.49 19.89
CA THR A 68 12.31 13.93 20.06
C THR A 68 11.85 14.66 18.81
N ILE A 69 11.70 15.96 18.94
CA ILE A 69 11.23 16.77 17.81
C ILE A 69 12.30 16.88 16.74
N PRO A 70 13.61 17.01 17.06
CA PRO A 70 14.60 16.93 15.98
C PRO A 70 14.50 15.63 15.18
N GLN A 71 14.25 14.51 15.85
CA GLN A 71 14.08 13.24 15.14
C GLN A 71 12.89 13.29 14.18
N LEU A 72 11.79 13.90 14.61
CA LEU A 72 10.64 14.01 13.73
C LEU A 72 10.98 14.84 12.50
N LEU A 73 11.50 16.05 12.72
CA LEU A 73 11.77 16.94 11.59
C LEU A 73 12.85 16.36 10.68
N GLY A 74 13.87 15.73 11.29
CA GLY A 74 14.91 15.08 10.50
C GLY A 74 14.42 13.90 9.69
N SER A 75 13.43 13.17 10.21
CA SER A 75 12.86 12.04 9.46
C SER A 75 12.00 12.52 8.29
N ILE A 76 11.25 13.61 8.48
CA ILE A 76 10.57 14.25 7.36
C ILE A 76 11.59 14.66 6.30
N LEU A 77 12.65 15.35 6.73
CA LEU A 77 13.69 15.76 5.79
C LEU A 77 14.35 14.56 5.14
N TRP A 78 14.58 13.47 5.89
CA TRP A 78 15.10 12.25 5.29
C TRP A 78 14.28 11.84 4.09
N SER A 79 12.94 11.88 4.23
CA SER A 79 12.04 11.47 3.16
C SER A 79 12.06 12.45 2.00
N ILE A 80 12.10 13.75 2.30
CA ILE A 80 12.13 14.76 1.23
C ILE A 80 13.39 14.61 0.39
N LYS A 81 14.54 14.51 1.06
CA LYS A 81 15.82 14.43 0.36
C LYS A 81 15.82 13.30 -0.65
N ARG A 82 15.20 12.17 -0.30
CA ARG A 82 15.26 10.95 -1.10
C ARG A 82 14.01 10.69 -1.91
N GLY A 83 12.97 11.50 -1.76
CA GLY A 83 11.70 11.18 -2.38
C GLY A 83 11.17 9.81 -2.01
N LYS A 84 11.34 9.40 -0.75
CA LYS A 84 10.95 8.09 -0.26
C LYS A 84 10.00 8.24 0.92
N ALA A 85 9.17 7.22 1.12
CA ALA A 85 8.14 7.23 2.16
C ALA A 85 8.66 6.51 3.40
N ALA A 86 9.03 7.28 4.42
CA ALA A 86 9.32 6.70 5.72
C ALA A 86 8.07 6.72 6.59
N GLU A 87 7.96 5.72 7.46
CA GLU A 87 6.87 5.61 8.41
C GLU A 87 7.48 5.14 9.71
N LEU A 88 7.45 5.98 10.74
CA LEU A 88 8.02 5.63 12.02
C LEU A 88 6.99 5.81 13.11
N LEU A 89 7.12 4.99 14.15
CA LEU A 89 6.35 5.16 15.37
C LEU A 89 6.80 6.41 16.09
N VAL A 90 5.84 7.22 16.51
CA VAL A 90 6.07 8.34 17.40
C VAL A 90 5.68 7.84 18.80
N VAL A 91 6.70 7.52 19.61
CA VAL A 91 6.47 6.88 20.90
C VAL A 91 6.52 7.87 22.05
N SER A 92 6.90 9.11 21.80
CA SER A 92 7.03 10.12 22.84
C SER A 92 5.74 10.94 22.97
N ARG A 93 5.27 11.10 24.20
CA ARG A 93 4.14 11.99 24.44
C ARG A 93 4.44 13.41 24.00
N GLU A 94 5.68 13.87 24.25
CA GLU A 94 6.06 15.22 23.86
C GLU A 94 5.94 15.43 22.35
N VAL A 95 6.38 14.45 21.57
CA VAL A 95 6.35 14.63 20.12
C VAL A 95 4.93 14.44 19.58
N ARG A 96 4.16 13.50 20.14
CA ARG A 96 2.76 13.40 19.74
C ARG A 96 2.03 14.71 19.96
N GLU A 97 2.37 15.39 21.06
CA GLU A 97 1.77 16.69 21.35
C GLU A 97 2.24 17.75 20.37
N TYR A 98 3.53 17.77 20.05
CA TYR A 98 4.04 18.68 19.03
C TYR A 98 3.30 18.50 17.71
N MET A 99 3.07 17.25 17.30
CA MET A 99 2.39 17.02 16.03
C MET A 99 0.92 17.42 16.10
N ARG A 100 0.28 17.18 17.24
CA ARG A 100 -1.12 17.56 17.39
C ARG A 100 -1.29 19.07 17.26
N LYS A 101 -0.38 19.85 17.87
CA LYS A 101 -0.48 21.30 17.76
C LYS A 101 -0.10 21.80 16.37
N TRP A 102 0.90 21.18 15.74
CA TRP A 102 1.23 21.49 14.36
C TRP A 102 0.00 21.36 13.47
N GLY A 103 -0.79 20.30 13.68
CA GLY A 103 -2.12 20.24 13.09
C GLY A 103 -2.17 19.53 11.76
N TRP A 104 -3.34 19.60 11.13
CA TRP A 104 -3.58 18.91 9.88
C TRP A 104 -4.55 19.73 9.03
N ASP A 105 -4.41 19.57 7.71
CA ASP A 105 -5.31 20.26 6.79
C ASP A 105 -6.58 19.47 6.53
N GLU A 106 -6.54 18.13 6.59
CA GLU A 106 -7.76 17.36 6.43
C GLU A 106 -7.60 16.02 7.14
N LEU A 107 -8.74 15.39 7.41
CA LEU A 107 -8.80 14.05 7.98
C LEU A 107 -9.30 13.09 6.89
N ARG A 108 -8.65 11.93 6.79
CA ARG A 108 -9.05 10.91 5.82
C ARG A 108 -9.03 9.54 6.48
N MET A 109 -9.83 8.64 5.92
CA MET A 109 -9.67 7.23 6.22
C MET A 109 -8.21 6.82 5.99
N GLY A 110 -7.65 6.05 6.94
CA GLY A 110 -6.27 5.64 6.86
C GLY A 110 -6.12 4.14 7.07
N GLY A 111 -4.92 3.65 6.74
CA GLY A 111 -4.55 2.26 6.83
C GLY A 111 -4.96 1.44 5.62
N GLN A 112 -4.20 0.39 5.30
CA GLN A 112 -4.54 -0.45 4.15
C GLN A 112 -5.98 -0.95 4.23
N VAL A 113 -6.42 -1.41 5.41
CA VAL A 113 -7.77 -1.96 5.51
C VAL A 113 -8.80 -0.90 5.16
N GLY A 114 -8.66 0.29 5.74
CA GLY A 114 -9.69 1.30 5.58
C GLY A 114 -9.72 1.87 4.18
N ILE A 115 -8.55 2.12 3.60
CA ILE A 115 -8.49 2.65 2.25
C ILE A 115 -9.01 1.61 1.26
N MET A 116 -8.61 0.34 1.41
CA MET A 116 -9.13 -0.64 0.47
C MET A 116 -10.60 -0.92 0.72
N ALA A 117 -11.06 -0.84 1.97
CA ALA A 117 -12.49 -1.01 2.22
C ALA A 117 -13.32 0.07 1.51
N ASN A 118 -12.92 1.33 1.62
CA ASN A 118 -13.69 2.39 0.99
C ASN A 118 -13.67 2.27 -0.53
N LEU A 119 -12.54 1.81 -1.10
CA LEU A 119 -12.46 1.65 -2.55
C LEU A 119 -13.25 0.43 -3.03
N LEU A 120 -12.94 -0.75 -2.49
CA LEU A 120 -13.56 -1.97 -3.00
C LEU A 120 -15.05 -1.99 -2.72
N GLY A 121 -15.44 -1.60 -1.49
CA GLY A 121 -16.84 -1.56 -1.11
C GLY A 121 -17.55 -0.28 -1.51
N GLY A 122 -16.99 0.87 -1.09
CA GLY A 122 -17.67 2.13 -1.30
C GLY A 122 -17.72 2.56 -2.75
N VAL A 123 -16.72 2.22 -3.55
CA VAL A 123 -16.66 2.65 -4.95
C VAL A 123 -17.02 1.51 -5.91
N TYR A 124 -16.38 0.35 -5.77
CA TYR A 124 -16.62 -0.74 -6.72
C TYR A 124 -17.86 -1.56 -6.40
N GLY A 125 -18.39 -1.47 -5.18
CA GLY A 125 -19.62 -2.17 -4.84
C GLY A 125 -19.45 -3.62 -4.42
N ILE A 126 -18.23 -4.02 -4.06
CA ILE A 126 -17.94 -5.39 -3.63
C ILE A 126 -18.12 -5.46 -2.12
N PRO A 127 -18.80 -6.48 -1.57
CA PRO A 127 -18.88 -6.63 -0.11
C PRO A 127 -17.49 -6.83 0.50
N VAL A 128 -17.19 -6.03 1.53
CA VAL A 128 -15.92 -6.13 2.24
C VAL A 128 -16.21 -6.44 3.71
N ILE A 129 -15.35 -7.25 4.32
CA ILE A 129 -15.45 -7.59 5.73
C ILE A 129 -14.14 -7.10 6.35
N ALA A 130 -14.21 -6.05 7.15
CA ALA A 130 -13.03 -5.28 7.53
C ALA A 130 -12.72 -5.42 9.01
N HIS A 131 -11.42 -5.57 9.33
CA HIS A 131 -10.94 -5.57 10.70
C HIS A 131 -10.51 -4.16 11.07
N VAL A 132 -11.21 -3.57 12.03
CA VAL A 132 -10.95 -2.21 12.50
C VAL A 132 -10.54 -2.26 13.96
N PRO A 133 -9.26 -2.07 14.30
CA PRO A 133 -8.85 -2.19 15.71
C PRO A 133 -9.68 -1.36 16.67
N GLN A 134 -9.92 -0.09 16.34
CA GLN A 134 -10.68 0.82 17.21
C GLN A 134 -11.66 1.61 16.35
N LEU A 135 -12.95 1.30 16.48
CA LEU A 135 -13.98 1.95 15.66
C LEU A 135 -14.60 3.11 16.45
N SER A 136 -13.77 4.14 16.66
CA SER A 136 -14.21 5.36 17.30
C SER A 136 -15.24 6.07 16.40
N GLU A 137 -15.91 7.06 16.99
CA GLU A 137 -16.83 7.90 16.23
C GLU A 137 -16.17 8.49 14.97
N LEU A 138 -15.04 9.19 15.15
CA LEU A 138 -14.33 9.77 14.01
C LEU A 138 -13.90 8.70 13.02
N GLN A 139 -13.35 7.59 13.51
CA GLN A 139 -12.96 6.49 12.63
C GLN A 139 -14.13 6.00 11.79
N ALA A 140 -15.29 5.86 12.43
CA ALA A 140 -16.47 5.36 11.74
C ALA A 140 -16.98 6.36 10.71
N SER A 141 -16.89 7.66 11.02
CA SER A 141 -17.43 8.67 10.12
C SER A 141 -16.70 8.73 8.79
N LEU A 142 -15.49 8.18 8.71
CA LEU A 142 -14.67 8.25 7.50
C LEU A 142 -14.92 7.09 6.54
N PHE A 143 -15.79 6.15 6.90
CA PHE A 143 -16.21 5.12 5.97
C PHE A 143 -17.27 5.64 5.02
N LEU A 144 -17.16 5.25 3.75
CA LEU A 144 -18.21 5.54 2.78
C LEU A 144 -19.43 4.63 3.02
N ASP A 145 -20.57 5.07 2.52
CA ASP A 145 -21.73 4.20 2.45
C ASP A 145 -21.50 3.12 1.39
N GLY A 146 -22.17 2.00 1.56
CA GLY A 146 -21.99 0.87 0.67
C GLY A 146 -21.79 -0.42 1.43
N PRO A 147 -21.53 -1.52 0.71
CA PRO A 147 -21.47 -2.86 1.34
C PRO A 147 -20.17 -3.10 2.08
N ILE A 148 -19.87 -2.21 3.03
CA ILE A 148 -18.72 -2.34 3.92
C ILE A 148 -19.24 -2.81 5.28
N TYR A 149 -18.60 -3.82 5.85
CA TYR A 149 -19.13 -4.47 7.05
C TYR A 149 -18.00 -4.76 8.04
N VAL A 150 -18.35 -4.71 9.32
CA VAL A 150 -17.50 -5.27 10.37
C VAL A 150 -18.29 -6.42 10.99
N PRO A 151 -17.66 -7.54 11.34
CA PRO A 151 -18.41 -8.64 11.93
C PRO A 151 -18.71 -8.39 13.40
N THR A 152 -19.91 -8.81 13.81
CA THR A 152 -20.29 -8.92 15.21
C THR A 152 -21.00 -10.24 15.41
N PHE A 153 -21.09 -10.67 16.67
CA PHE A 153 -21.75 -11.92 17.00
C PHE A 153 -22.87 -11.67 17.99
N GLU A 154 -24.05 -12.17 17.70
CA GLU A 154 -25.21 -12.07 18.59
C GLU A 154 -25.66 -13.49 18.91
N ARG A 155 -25.53 -13.87 20.18
CA ARG A 155 -25.87 -15.24 20.61
C ARG A 155 -25.21 -16.28 19.73
N GLY A 156 -23.95 -16.05 19.39
CA GLY A 156 -23.14 -16.99 18.65
C GLY A 156 -23.27 -16.92 17.15
N GLU A 157 -24.17 -16.11 16.61
CA GLU A 157 -24.38 -16.04 15.17
C GLU A 157 -23.75 -14.78 14.60
N LEU A 158 -23.05 -14.93 13.47
CA LEU A 158 -22.40 -13.81 12.83
C LEU A 158 -23.43 -12.83 12.27
N ARG A 159 -23.25 -11.55 12.57
CA ARG A 159 -24.02 -10.47 11.95
C ARG A 159 -23.08 -9.43 11.39
N LEU A 160 -23.21 -9.15 10.11
CA LEU A 160 -22.42 -8.11 9.47
C LEU A 160 -23.17 -6.80 9.59
N ILE A 161 -22.49 -5.78 10.12
CA ILE A 161 -23.10 -4.45 10.27
C ILE A 161 -22.16 -3.39 9.70
N HIS A 162 -22.74 -2.30 9.23
CA HIS A 162 -21.96 -1.22 8.65
C HIS A 162 -21.11 -0.53 9.73
N PRO A 163 -19.90 -0.10 9.37
CA PRO A 163 -19.00 0.51 10.35
C PRO A 163 -19.34 1.94 10.72
N ARG A 164 -20.22 2.63 9.96
CA ARG A 164 -20.56 3.98 10.36
C ARG A 164 -21.34 4.02 11.67
N GLU A 165 -21.72 2.86 12.19
CA GLU A 165 -22.15 2.73 13.57
C GLU A 165 -20.90 2.51 14.42
N PHE A 166 -20.48 3.54 15.14
CA PHE A 166 -19.24 3.42 15.90
C PHE A 166 -19.47 2.65 17.19
N ARG A 167 -18.35 2.23 17.79
CA ARG A 167 -18.32 1.50 19.06
C ARG A 167 -17.97 2.49 20.16
N LYS A 168 -18.90 2.72 21.08
CA LYS A 168 -18.69 3.71 22.13
C LYS A 168 -17.49 3.33 22.99
N GLY A 169 -16.59 4.27 23.20
CA GLY A 169 -15.43 4.08 24.04
C GLY A 169 -14.14 3.75 23.31
N GLU A 170 -14.21 3.30 22.06
CA GLU A 170 -12.97 2.98 21.34
C GLU A 170 -12.30 4.28 20.88
N GLU A 171 -10.97 4.23 20.77
CA GLU A 171 -10.13 5.41 20.70
C GLU A 171 -9.77 5.73 19.25
N ASP A 172 -9.53 7.01 18.97
CA ASP A 172 -9.00 7.42 17.68
C ASP A 172 -7.57 6.92 17.54
N CYS A 173 -7.25 6.35 16.40
CA CYS A 173 -5.90 5.90 16.09
C CYS A 173 -5.38 6.85 15.01
N ILE A 174 -4.51 7.80 15.38
CA ILE A 174 -4.10 8.88 14.49
C ILE A 174 -2.72 8.59 13.91
N HIS A 175 -2.60 8.73 12.59
CA HIS A 175 -1.32 8.75 11.88
C HIS A 175 -1.22 10.09 11.19
N TYR A 176 -0.09 10.78 11.38
CA TYR A 176 0.14 12.05 10.72
C TYR A 176 0.85 11.84 9.39
N ILE A 177 0.32 12.44 8.33
CA ILE A 177 0.82 12.28 6.97
C ILE A 177 1.37 13.63 6.52
N TYR A 178 2.66 13.70 6.28
CA TYR A 178 3.30 14.94 5.84
C TYR A 178 3.59 14.80 4.34
N GLU A 179 2.74 15.41 3.51
CA GLU A 179 2.82 15.29 2.06
C GLU A 179 3.68 16.38 1.47
N PHE A 180 4.51 16.02 0.51
CA PHE A 180 5.30 17.05 -0.16
C PHE A 180 5.26 16.80 -1.66
N PRO A 181 5.25 17.86 -2.47
CA PRO A 181 5.19 17.70 -3.93
C PRO A 181 6.57 17.40 -4.50
N ARG A 182 6.56 16.92 -5.75
CA ARG A 182 7.77 16.88 -6.56
C ARG A 182 8.38 18.26 -6.65
N ASN A 183 9.70 18.34 -6.46
CA ASN A 183 10.48 19.59 -6.44
C ASN A 183 10.21 20.46 -5.22
N PHE A 184 9.59 19.93 -4.17
CA PHE A 184 9.45 20.67 -2.92
C PHE A 184 10.82 21.11 -2.43
N LYS A 185 10.96 22.39 -2.09
CA LYS A 185 12.22 22.96 -1.66
C LYS A 185 12.21 23.20 -0.15
N VAL A 186 13.29 22.83 0.50
CA VAL A 186 13.56 23.24 1.88
C VAL A 186 15.07 23.30 2.04
N LEU A 187 15.56 24.43 2.56
CA LEU A 187 17.00 24.73 2.64
C LEU A 187 17.59 24.55 1.23
N ASP A 188 18.65 23.76 1.07
CA ASP A 188 19.22 23.48 -0.24
C ASP A 188 18.75 22.15 -0.80
N PHE A 189 17.71 21.55 -0.23
CA PHE A 189 17.19 20.27 -0.69
C PHE A 189 15.98 20.46 -1.60
N GLU A 190 15.78 19.48 -2.46
CA GLU A 190 14.63 19.50 -3.37
C GLU A 190 14.16 18.07 -3.56
N ALA A 191 12.87 17.83 -3.35
CA ALA A 191 12.32 16.48 -3.45
C ALA A 191 12.41 15.99 -4.90
N PRO A 192 13.04 14.84 -5.16
CA PRO A 192 13.08 14.35 -6.53
C PRO A 192 11.77 13.74 -7.01
N ARG A 193 10.88 13.34 -6.09
CA ARG A 193 9.58 12.76 -6.40
C ARG A 193 8.59 13.22 -5.33
N GLU A 194 7.32 13.38 -5.71
CA GLU A 194 6.28 13.58 -4.71
C GLU A 194 6.18 12.37 -3.80
N ASN A 195 5.98 12.62 -2.50
CA ASN A 195 5.89 11.53 -1.54
C ASN A 195 5.42 12.05 -0.17
N ARG A 196 5.62 11.26 0.88
CA ARG A 196 5.19 11.70 2.21
C ARG A 196 5.99 10.98 3.29
N PHE A 197 5.98 11.58 4.48
CA PHE A 197 6.49 10.93 5.68
C PHE A 197 5.30 10.66 6.59
N ILE A 198 5.30 9.49 7.26
CA ILE A 198 4.16 9.10 8.11
C ILE A 198 4.67 8.92 9.53
N GLY A 199 4.12 9.71 10.46
CA GLY A 199 4.37 9.53 11.87
C GLY A 199 3.19 8.83 12.51
N ALA A 200 3.38 7.56 12.90
CA ALA A 200 2.29 6.74 13.40
C ALA A 200 2.19 6.92 14.91
N ALA A 201 1.07 7.47 15.38
CA ALA A 201 0.95 7.89 16.76
C ALA A 201 -0.18 7.19 17.51
N ASP A 202 -0.53 5.96 17.12
CA ASP A 202 -1.54 5.21 17.85
C ASP A 202 -0.90 4.00 18.53
N ASP A 203 -1.66 3.42 19.45
CA ASP A 203 -1.17 2.38 20.34
C ASP A 203 -1.72 0.99 20.02
N TYR A 204 -2.44 0.84 18.92
CA TYR A 204 -3.04 -0.43 18.57
C TYR A 204 -2.39 -1.05 17.34
N ASN A 205 -2.33 -0.30 16.24
CA ASN A 205 -1.74 -0.83 15.03
C ASN A 205 -0.26 -1.18 15.13
N PRO A 206 0.59 -0.48 15.91
CA PRO A 206 2.02 -0.88 15.98
C PRO A 206 2.26 -2.27 16.50
N ILE A 207 1.31 -2.84 17.23
CA ILE A 207 1.46 -4.17 17.80
C ILE A 207 0.57 -5.18 17.10
N LEU A 208 -0.02 -4.79 15.96
CA LEU A 208 -1.00 -5.60 15.23
C LEU A 208 -2.09 -6.12 16.17
N TYR A 209 -2.72 -5.17 16.87
CA TYR A 209 -3.84 -5.50 17.75
C TYR A 209 -4.94 -6.17 16.94
N VAL A 210 -5.45 -7.30 17.44
CA VAL A 210 -6.55 -8.02 16.80
C VAL A 210 -7.72 -8.11 17.79
N ARG A 211 -8.92 -7.74 17.31
CA ARG A 211 -10.13 -7.78 18.12
C ARG A 211 -10.48 -9.22 18.54
N GLU A 212 -11.06 -9.36 19.75
CA GLU A 212 -11.25 -10.69 20.32
C GLU A 212 -12.12 -11.57 19.43
N GLU A 213 -13.16 -11.00 18.81
CA GLU A 213 -14.04 -11.83 18.00
C GLU A 213 -13.35 -12.31 16.72
N TRP A 214 -12.34 -11.58 16.24
CA TRP A 214 -11.55 -12.13 15.14
C TRP A 214 -10.63 -13.26 15.62
N ILE A 215 -10.12 -13.18 16.85
CA ILE A 215 -9.34 -14.27 17.42
C ILE A 215 -10.20 -15.52 17.61
N GLU A 216 -11.41 -15.35 18.13
CA GLU A 216 -12.27 -16.49 18.48
C GLU A 216 -12.96 -17.10 17.27
N ARG A 217 -13.37 -16.30 16.30
CA ARG A 217 -14.32 -16.76 15.30
C ARG A 217 -13.84 -16.47 13.89
N PHE A 218 -12.52 -16.54 13.66
CA PHE A 218 -11.98 -16.14 12.36
C PHE A 218 -12.58 -16.95 11.22
N GLU A 219 -12.72 -18.26 11.38
CA GLU A 219 -13.17 -19.09 10.27
C GLU A 219 -14.58 -18.69 9.82
N GLU A 220 -15.47 -18.44 10.79
CA GLU A 220 -16.83 -18.03 10.46
C GLU A 220 -16.84 -16.70 9.70
N ILE A 221 -15.99 -15.77 10.13
CA ILE A 221 -15.85 -14.49 9.45
C ILE A 221 -15.33 -14.71 8.04
N ALA A 222 -14.26 -15.49 7.90
CA ALA A 222 -13.60 -15.65 6.60
C ALA A 222 -14.49 -16.36 5.58
N LYS A 223 -15.44 -17.18 6.03
CA LYS A 223 -16.35 -17.85 5.11
C LYS A 223 -17.21 -16.87 4.32
N ARG A 224 -17.33 -15.62 4.79
CA ARG A 224 -18.10 -14.62 4.07
C ARG A 224 -17.34 -13.99 2.90
N SER A 225 -16.11 -14.43 2.65
CA SER A 225 -15.26 -13.83 1.63
C SER A 225 -14.71 -14.87 0.67
N GLU A 226 -14.40 -14.40 -0.54
CA GLU A 226 -13.74 -15.16 -1.60
C GLU A 226 -12.27 -14.80 -1.75
N LEU A 227 -11.90 -13.61 -1.33
CA LEU A 227 -10.54 -13.11 -1.44
C LEU A 227 -10.16 -12.48 -0.12
N ALA A 228 -8.86 -12.42 0.16
CA ALA A 228 -8.37 -11.73 1.34
C ALA A 228 -7.16 -10.89 0.99
N ILE A 229 -7.08 -9.71 1.57
CA ILE A 229 -5.88 -8.87 1.51
C ILE A 229 -5.39 -8.66 2.94
N ILE A 230 -4.13 -9.00 3.21
CA ILE A 230 -3.56 -8.96 4.54
C ILE A 230 -2.50 -7.87 4.57
N SER A 231 -2.55 -7.04 5.63
CA SER A 231 -1.61 -5.94 5.80
C SER A 231 -1.40 -5.65 7.28
N GLY A 232 -0.45 -4.76 7.56
CA GLY A 232 -0.24 -4.23 8.90
C GLY A 232 0.97 -4.79 9.62
N LEU A 233 1.77 -5.64 8.97
CA LEU A 233 2.89 -6.28 9.66
C LEU A 233 4.13 -5.41 9.72
N HIS A 234 4.20 -4.34 8.93
CA HIS A 234 5.43 -3.56 8.83
C HIS A 234 5.96 -2.92 10.12
N PRO A 235 5.16 -2.54 11.13
CA PRO A 235 5.77 -1.90 12.32
C PRO A 235 6.33 -2.90 13.34
N LEU A 236 6.06 -4.20 13.20
CA LEU A 236 6.46 -5.17 14.21
C LEU A 236 7.98 -5.26 14.28
N THR A 237 8.49 -5.59 15.47
CA THR A 237 9.93 -5.69 15.71
C THR A 237 10.27 -7.07 16.25
N GLN A 238 11.58 -7.37 16.30
CA GLN A 238 12.03 -8.62 16.90
C GLN A 238 11.61 -8.74 18.35
N GLU A 239 11.28 -7.63 19.01
CA GLU A 239 10.90 -7.67 20.43
C GLU A 239 9.43 -7.99 20.63
N ASN A 240 8.54 -7.69 19.69
CA ASN A 240 7.11 -7.85 19.94
C ASN A 240 6.41 -8.70 18.90
N HIS A 241 7.14 -9.32 17.96
CA HIS A 241 6.51 -9.98 16.82
C HIS A 241 5.89 -11.33 17.17
N GLY A 242 6.21 -11.91 18.32
CA GLY A 242 5.85 -13.30 18.59
C GLY A 242 4.36 -13.57 18.57
N LYS A 243 3.63 -12.85 19.41
CA LYS A 243 2.18 -13.04 19.50
C LYS A 243 1.46 -12.69 18.20
N PRO A 244 1.72 -11.54 17.56
CA PRO A 244 1.01 -11.23 16.30
C PRO A 244 1.29 -12.22 15.17
N ILE A 245 2.56 -12.56 14.94
CA ILE A 245 2.89 -13.46 13.83
C ILE A 245 2.28 -14.83 14.05
N LYS A 246 2.22 -15.29 15.30
CA LYS A 246 1.59 -16.57 15.59
C LYS A 246 0.12 -16.56 15.18
N LEU A 247 -0.60 -15.48 15.49
CA LEU A 247 -1.99 -15.34 15.10
C LEU A 247 -2.15 -15.27 13.59
N VAL A 248 -1.31 -14.47 12.92
CA VAL A 248 -1.41 -14.32 11.48
C VAL A 248 -1.25 -15.67 10.78
N ARG A 249 -0.30 -16.51 11.24
CA ARG A 249 -0.13 -17.82 10.63
C ARG A 249 -1.35 -18.70 10.84
N GLU A 250 -1.99 -18.60 12.02
CA GLU A 250 -3.23 -19.34 12.26
C GLU A 250 -4.33 -18.90 11.30
N HIS A 251 -4.45 -17.60 11.06
CA HIS A 251 -5.49 -17.13 10.15
C HIS A 251 -5.18 -17.53 8.71
N LEU A 252 -3.92 -17.43 8.31
CA LEU A 252 -3.52 -17.85 6.97
C LEU A 252 -3.81 -19.33 6.76
N LYS A 253 -3.61 -20.15 7.79
CA LYS A 253 -3.94 -21.57 7.67
C LYS A 253 -5.42 -21.77 7.36
N ILE A 254 -6.29 -21.01 8.04
CA ILE A 254 -7.72 -21.09 7.79
C ILE A 254 -8.06 -20.61 6.38
N LEU A 255 -7.46 -19.48 5.96
CA LEU A 255 -7.69 -19.01 4.60
C LEU A 255 -7.27 -20.08 3.59
N ASN A 256 -6.09 -20.69 3.78
CA ASN A 256 -5.67 -21.79 2.91
C ASN A 256 -6.67 -22.94 2.93
N ASP A 257 -7.08 -23.37 4.12
CA ASP A 257 -7.97 -24.52 4.22
C ASP A 257 -9.31 -24.23 3.55
N LEU A 258 -9.78 -22.99 3.62
CA LEU A 258 -11.03 -22.59 2.97
C LEU A 258 -10.86 -22.28 1.48
N GLY A 259 -9.63 -22.31 0.95
CA GLY A 259 -9.43 -22.00 -0.45
C GLY A 259 -9.67 -20.55 -0.81
N ILE A 260 -9.47 -19.64 0.13
CA ILE A 260 -9.62 -18.20 -0.10
C ILE A 260 -8.29 -17.64 -0.58
N ARG A 261 -8.27 -17.11 -1.81
CA ARG A 261 -7.05 -16.58 -2.38
C ARG A 261 -6.64 -15.32 -1.62
N ALA A 262 -5.40 -15.28 -1.14
CA ALA A 262 -4.92 -14.22 -0.25
C ALA A 262 -3.78 -13.45 -0.89
N HIS A 263 -3.78 -12.14 -0.65
CA HIS A 263 -2.77 -11.20 -1.15
C HIS A 263 -2.13 -10.51 0.04
N LEU A 264 -0.80 -10.49 0.07
CA LEU A 264 -0.09 -9.76 1.11
C LEU A 264 0.38 -8.43 0.55
N GLU A 265 -0.03 -7.33 1.20
CA GLU A 265 0.45 -6.01 0.78
C GLU A 265 1.68 -5.66 1.61
N PHE A 266 2.83 -5.63 0.95
CA PHE A 266 4.07 -5.34 1.63
C PHE A 266 4.17 -3.84 1.88
N ALA A 267 4.70 -3.48 3.03
CA ALA A 267 5.11 -2.13 3.29
C ALA A 267 6.55 -2.19 3.76
N PHE A 268 7.26 -1.07 3.71
CA PHE A 268 8.64 -1.11 4.17
C PHE A 268 8.67 -1.52 5.64
N THR A 269 9.45 -2.56 5.92
CA THR A 269 9.50 -3.21 7.23
C THR A 269 10.94 -3.07 7.72
N PRO A 270 11.24 -2.08 8.58
CA PRO A 270 12.64 -1.81 8.95
C PRO A 270 13.29 -2.96 9.71
N ASP A 271 12.54 -3.66 10.54
CA ASP A 271 13.13 -4.73 11.36
C ASP A 271 13.47 -5.92 10.47
N GLU A 272 14.75 -6.28 10.39
CA GLU A 272 15.17 -7.34 9.44
C GLU A 272 14.71 -8.72 9.88
N VAL A 273 14.57 -8.97 11.19
CA VAL A 273 14.06 -10.26 11.61
C VAL A 273 12.61 -10.44 11.17
N VAL A 274 11.80 -9.39 11.38
CA VAL A 274 10.41 -9.41 10.93
C VAL A 274 10.31 -9.44 9.41
N ARG A 275 11.21 -8.72 8.72
CA ARG A 275 11.14 -8.70 7.26
C ARG A 275 11.36 -10.08 6.68
N LEU A 276 12.33 -10.83 7.22
CA LEU A 276 12.56 -12.18 6.72
C LEU A 276 11.42 -13.11 7.10
N GLU A 277 10.83 -12.91 8.28
CA GLU A 277 9.67 -13.67 8.68
C GLU A 277 8.51 -13.48 7.69
N ILE A 278 8.31 -12.25 7.22
CA ILE A 278 7.25 -12.01 6.25
C ILE A 278 7.56 -12.74 4.94
N VAL A 279 8.84 -12.76 4.52
CA VAL A 279 9.21 -13.48 3.31
C VAL A 279 8.89 -14.97 3.45
N LYS A 280 9.11 -15.53 4.63
CA LYS A 280 8.74 -16.93 4.87
C LYS A 280 7.23 -17.10 4.90
N LEU A 281 6.52 -16.11 5.45
CA LEU A 281 5.06 -16.16 5.46
C LEU A 281 4.48 -16.21 4.05
N LEU A 282 5.19 -15.65 3.07
CA LEU A 282 4.67 -15.61 1.70
C LEU A 282 4.49 -16.99 1.10
N LYS A 283 5.14 -18.01 1.65
CA LYS A 283 4.88 -19.37 1.15
C LYS A 283 3.43 -19.80 1.32
N HIS A 284 2.63 -19.05 2.07
CA HIS A 284 1.21 -19.38 2.20
C HIS A 284 0.29 -18.39 1.50
N PHE A 285 0.84 -17.46 0.74
CA PHE A 285 0.05 -16.48 0.01
C PHE A 285 0.01 -16.79 -1.49
N TYR A 286 -1.10 -16.43 -2.12
CA TYR A 286 -1.19 -16.51 -3.58
C TYR A 286 -0.49 -15.34 -4.25
N SER A 287 -0.63 -14.14 -3.69
CA SER A 287 -0.21 -12.91 -4.34
C SER A 287 0.49 -12.01 -3.34
N VAL A 288 1.39 -11.18 -3.84
CA VAL A 288 2.04 -10.16 -3.03
C VAL A 288 2.20 -8.89 -3.85
N GLY A 289 2.12 -7.75 -3.20
CA GLY A 289 2.28 -6.48 -3.86
C GLY A 289 3.36 -5.67 -3.16
N LEU A 290 4.21 -5.01 -3.95
CA LEU A 290 5.30 -4.23 -3.39
C LEU A 290 5.84 -3.24 -4.42
N ASN A 291 6.68 -2.33 -3.94
CA ASN A 291 7.27 -1.29 -4.76
C ASN A 291 8.80 -1.51 -4.86
N GLU A 292 9.49 -0.51 -5.38
CA GLU A 292 10.93 -0.66 -5.64
C GLU A 292 11.75 -0.72 -4.35
N VAL A 293 11.48 0.17 -3.39
CA VAL A 293 12.28 0.15 -2.17
C VAL A 293 11.98 -1.09 -1.35
N GLU A 294 10.72 -1.55 -1.35
CA GLU A 294 10.38 -2.78 -0.64
C GLU A 294 11.04 -3.99 -1.30
N LEU A 295 10.98 -4.07 -2.64
CA LEU A 295 11.64 -5.18 -3.31
C LEU A 295 13.13 -5.22 -2.99
N ALA A 296 13.77 -4.05 -3.03
CA ALA A 296 15.20 -4.02 -2.71
C ALA A 296 15.46 -4.47 -1.29
N SER A 297 14.63 -4.03 -0.34
CA SER A 297 14.86 -4.40 1.05
C SER A 297 14.68 -5.90 1.25
N VAL A 298 13.81 -6.52 0.46
CA VAL A 298 13.60 -7.97 0.54
C VAL A 298 14.76 -8.73 -0.07
N VAL A 299 15.16 -8.34 -1.28
CA VAL A 299 16.31 -8.95 -1.92
C VAL A 299 17.56 -8.76 -1.06
N SER A 300 17.67 -7.61 -0.39
CA SER A 300 18.80 -7.37 0.48
C SER A 300 18.88 -8.37 1.62
N VAL A 301 17.73 -8.70 2.25
CA VAL A 301 17.81 -9.64 3.36
C VAL A 301 17.83 -11.08 2.91
N MET A 302 17.66 -11.34 1.61
CA MET A 302 17.85 -12.67 1.04
C MET A 302 19.26 -12.88 0.52
N GLY A 303 20.19 -11.98 0.82
CA GLY A 303 21.58 -12.18 0.48
C GLY A 303 22.02 -11.62 -0.86
N GLU A 304 21.31 -10.64 -1.40
CA GLU A 304 21.65 -10.05 -2.69
C GLU A 304 21.74 -8.53 -2.53
N LYS A 305 22.78 -8.09 -1.81
CA LYS A 305 22.93 -6.67 -1.51
C LYS A 305 23.24 -5.87 -2.77
N GLU A 306 24.06 -6.42 -3.65
CA GLU A 306 24.40 -5.70 -4.88
C GLU A 306 23.17 -5.54 -5.77
N LEU A 307 22.34 -6.57 -5.88
CA LEU A 307 21.13 -6.46 -6.68
C LEU A 307 20.14 -5.46 -6.08
N ALA A 308 19.98 -5.49 -4.75
CA ALA A 308 19.12 -4.49 -4.09
C ALA A 308 19.56 -3.09 -4.42
N GLU A 309 20.88 -2.85 -4.41
CA GLU A 309 21.41 -1.54 -4.78
C GLU A 309 21.07 -1.18 -6.22
N ARG A 310 21.15 -2.16 -7.13
CA ARG A 310 20.81 -1.90 -8.53
C ARG A 310 19.33 -1.54 -8.69
N ILE A 311 18.48 -2.06 -7.80
CA ILE A 311 17.05 -1.85 -7.91
C ILE A 311 16.66 -0.42 -7.53
N ILE A 312 17.37 0.19 -6.58
CA ILE A 312 16.99 1.53 -6.12
C ILE A 312 17.89 2.62 -6.64
N SER A 313 18.94 2.28 -7.41
CA SER A 313 19.93 3.28 -7.80
C SER A 313 19.50 4.17 -8.96
N LYS A 314 18.52 3.77 -9.78
CA LYS A 314 18.10 4.56 -10.93
C LYS A 314 16.72 5.14 -10.71
N ASP A 315 16.48 6.34 -11.26
CA ASP A 315 15.23 7.04 -10.97
C ASP A 315 14.01 6.27 -11.47
N PRO A 316 13.83 6.01 -12.77
CA PRO A 316 12.96 4.88 -13.13
C PRO A 316 13.71 3.63 -12.71
N ALA A 317 13.15 2.89 -11.74
CA ALA A 317 13.84 1.71 -11.24
C ALA A 317 14.28 0.83 -12.41
N ASP A 318 15.57 0.49 -12.42
CA ASP A 318 16.19 -0.35 -13.44
C ASP A 318 15.30 -1.57 -13.67
N PRO A 319 14.65 -1.65 -14.83
CA PRO A 319 13.68 -2.74 -15.06
C PRO A 319 14.31 -4.13 -15.04
N ILE A 320 15.54 -4.25 -15.51
CA ILE A 320 16.19 -5.55 -15.55
C ILE A 320 16.51 -6.01 -14.14
N ALA A 321 17.11 -5.12 -13.33
CA ALA A 321 17.38 -5.45 -11.94
C ALA A 321 16.09 -5.78 -11.18
N VAL A 322 15.02 -5.02 -11.44
CA VAL A 322 13.73 -5.30 -10.78
C VAL A 322 13.26 -6.72 -11.12
N ILE A 323 13.34 -7.08 -12.40
CA ILE A 323 12.85 -8.38 -12.83
C ILE A 323 13.70 -9.50 -12.25
N GLU A 324 15.03 -9.28 -12.18
CA GLU A 324 15.90 -10.24 -11.52
C GLU A 324 15.51 -10.43 -10.05
N GLY A 325 15.12 -9.35 -9.38
CA GLY A 325 14.65 -9.46 -8.00
C GLY A 325 13.31 -10.17 -7.89
N LEU A 326 12.39 -9.87 -8.80
CA LEU A 326 11.09 -10.56 -8.77
C LEU A 326 11.25 -12.06 -8.99
N LEU A 327 12.15 -12.45 -9.90
CA LEU A 327 12.38 -13.87 -10.13
C LEU A 327 12.90 -14.55 -8.89
N LYS A 328 13.88 -13.93 -8.22
CA LYS A 328 14.39 -14.49 -6.97
C LYS A 328 13.29 -14.62 -5.92
N LEU A 329 12.41 -13.62 -5.83
CA LEU A 329 11.34 -13.66 -4.84
C LEU A 329 10.34 -14.76 -5.14
N ILE A 330 9.90 -14.86 -6.40
CA ILE A 330 8.88 -15.85 -6.70
C ILE A 330 9.44 -17.25 -6.59
N LYS A 331 10.74 -17.43 -6.87
CA LYS A 331 11.35 -18.75 -6.74
C LYS A 331 11.48 -19.15 -5.27
N GLU A 332 11.85 -18.20 -4.41
CA GLU A 332 12.05 -18.53 -3.00
C GLU A 332 10.72 -18.77 -2.30
N THR A 333 9.69 -18.00 -2.65
CA THR A 333 8.43 -18.08 -1.90
C THR A 333 7.43 -19.03 -2.53
N GLY A 334 7.47 -19.20 -3.85
CA GLY A 334 6.43 -19.96 -4.51
C GLY A 334 5.09 -19.30 -4.60
N VAL A 335 4.99 -17.98 -4.37
CA VAL A 335 3.73 -17.29 -4.63
C VAL A 335 3.38 -17.47 -6.11
N LYS A 336 2.08 -17.42 -6.39
CA LYS A 336 1.59 -17.52 -7.76
C LYS A 336 1.60 -16.18 -8.49
N ARG A 337 1.74 -15.08 -7.77
CA ARG A 337 1.56 -13.76 -8.36
C ARG A 337 2.35 -12.73 -7.58
N ILE A 338 3.13 -11.92 -8.28
CA ILE A 338 3.72 -10.70 -7.69
C ILE A 338 3.27 -9.52 -8.55
N HIS A 339 2.70 -8.51 -7.92
CA HIS A 339 2.39 -7.24 -8.58
C HIS A 339 3.34 -6.19 -8.05
N PHE A 340 4.29 -5.79 -8.89
CA PHE A 340 5.26 -4.73 -8.61
C PHE A 340 4.77 -3.42 -9.18
N HIS A 341 4.83 -2.34 -8.39
CA HIS A 341 4.48 -1.02 -8.89
C HIS A 341 5.60 -0.05 -8.53
N THR A 342 5.88 0.88 -9.43
CA THR A 342 6.86 1.92 -9.14
C THR A 342 6.47 3.16 -9.93
N TYR A 343 7.28 4.21 -9.79
CA TYR A 343 7.08 5.43 -10.54
C TYR A 343 7.37 5.15 -12.02
N GLY A 344 6.32 5.14 -12.85
CA GLY A 344 6.44 5.02 -14.28
C GLY A 344 5.89 3.74 -14.89
N TYR A 345 5.78 2.66 -14.12
CA TYR A 345 5.36 1.38 -14.70
C TYR A 345 5.02 0.40 -13.59
N TYR A 346 4.18 -0.59 -13.92
CA TYR A 346 3.98 -1.77 -13.09
C TYR A 346 4.53 -2.99 -13.82
N LEU A 347 4.88 -4.01 -13.04
CA LEU A 347 5.20 -5.33 -13.56
C LEU A 347 4.42 -6.38 -12.79
N ALA A 348 4.02 -7.44 -13.47
CA ALA A 348 3.51 -8.62 -12.79
C ALA A 348 4.30 -9.82 -13.27
N LEU A 349 4.56 -10.74 -12.35
CA LEU A 349 5.13 -12.04 -12.66
C LEU A 349 4.13 -13.07 -12.12
N THR A 350 3.58 -13.91 -13.01
CA THR A 350 2.46 -14.76 -12.61
C THR A 350 2.57 -16.15 -13.20
N ARG A 351 2.02 -17.12 -12.46
CA ARG A 351 1.75 -18.43 -13.03
C ARG A 351 0.65 -18.33 -14.08
N GLU A 352 -0.39 -17.56 -13.81
CA GLU A 352 -1.49 -17.37 -14.76
C GLU A 352 -0.99 -16.75 -16.05
N LYS A 353 -1.45 -17.31 -17.17
CA LYS A 353 -1.15 -16.81 -18.50
C LYS A 353 -2.36 -16.06 -19.03
N GLY A 354 -2.11 -15.07 -19.90
CA GLY A 354 -3.16 -14.45 -20.67
C GLY A 354 -3.32 -12.98 -20.38
N GLU A 355 -4.25 -12.37 -21.10
CA GLU A 355 -4.41 -10.92 -21.09
C GLU A 355 -5.06 -10.39 -19.83
N HIS A 356 -5.79 -11.23 -19.08
CA HIS A 356 -6.50 -10.73 -17.90
C HIS A 356 -5.55 -10.13 -16.87
N VAL A 357 -4.31 -10.63 -16.80
CA VAL A 357 -3.33 -10.02 -15.90
C VAL A 357 -3.07 -8.57 -16.32
N ARG A 358 -2.91 -8.34 -17.62
CA ARG A 358 -2.68 -6.98 -18.11
C ARG A 358 -3.91 -6.11 -17.97
N ASP A 359 -5.10 -6.67 -18.23
CA ASP A 359 -6.35 -5.93 -18.03
C ASP A 359 -6.44 -5.37 -16.63
N ALA A 360 -6.12 -6.20 -15.63
CA ALA A 360 -6.20 -5.77 -14.24
C ALA A 360 -5.18 -4.70 -13.92
N LEU A 361 -3.96 -4.82 -14.45
CA LEU A 361 -2.92 -3.82 -14.18
C LEU A 361 -3.33 -2.47 -14.76
N LEU A 362 -3.82 -2.45 -16.01
CA LEU A 362 -4.25 -1.20 -16.62
C LEU A 362 -5.41 -0.57 -15.84
N PHE A 363 -6.40 -1.37 -15.45
CA PHE A 363 -7.48 -0.85 -14.60
C PHE A 363 -6.91 -0.21 -13.33
N SER A 364 -5.99 -0.90 -12.66
CA SER A 364 -5.45 -0.38 -11.40
C SER A 364 -4.68 0.91 -11.63
N ALA A 365 -4.05 1.05 -12.80
CA ALA A 365 -3.34 2.28 -13.14
C ALA A 365 -4.31 3.43 -13.43
N LEU A 366 -5.50 3.13 -13.97
CA LEU A 366 -6.53 4.15 -14.07
C LEU A 366 -7.00 4.60 -12.69
N ALA A 367 -7.21 3.65 -11.77
CA ALA A 367 -7.58 4.02 -10.42
C ALA A 367 -6.49 4.87 -9.75
N ALA A 368 -5.22 4.51 -9.94
CA ALA A 368 -4.12 5.29 -9.37
C ALA A 368 -4.12 6.73 -9.88
N ALA A 369 -4.27 6.90 -11.20
CA ALA A 369 -4.25 8.24 -11.77
C ALA A 369 -5.40 9.08 -11.23
N THR A 370 -6.59 8.48 -11.08
CA THR A 370 -7.73 9.23 -10.55
C THR A 370 -7.49 9.63 -9.11
N LYS A 371 -6.98 8.71 -8.30
CA LYS A 371 -6.67 8.99 -6.91
C LYS A 371 -5.63 10.10 -6.80
N ALA A 372 -4.59 10.06 -7.64
CA ALA A 372 -3.57 11.10 -7.62
C ALA A 372 -4.16 12.46 -7.98
N MET A 373 -5.05 12.48 -8.97
CA MET A 373 -5.64 13.73 -9.44
C MET A 373 -6.60 14.33 -8.43
N LYS A 374 -7.44 13.49 -7.80
CA LYS A 374 -8.50 13.98 -6.93
C LYS A 374 -8.18 13.91 -5.44
N GLY A 375 -7.17 13.16 -5.06
CA GLY A 375 -6.90 12.91 -3.65
C GLY A 375 -7.71 11.74 -3.09
N ASN A 376 -8.99 11.67 -3.42
CA ASN A 376 -9.84 10.55 -3.02
C ASN A 376 -10.76 10.17 -4.18
N ILE A 377 -10.98 8.86 -4.33
CA ILE A 377 -11.94 8.32 -5.28
C ILE A 377 -13.28 8.22 -4.56
N GLU A 378 -14.31 8.83 -5.13
CA GLU A 378 -15.62 8.86 -4.50
C GLU A 378 -16.67 8.02 -5.22
N LYS A 379 -16.52 7.78 -6.51
CA LYS A 379 -17.53 7.04 -7.26
C LYS A 379 -16.88 6.44 -8.51
N LEU A 380 -17.52 5.37 -9.00
CA LEU A 380 -16.97 4.61 -10.11
C LEU A 380 -16.69 5.49 -11.33
N SER A 381 -17.53 6.48 -11.58
CA SER A 381 -17.32 7.35 -12.74
C SER A 381 -15.99 8.09 -12.67
N ASP A 382 -15.40 8.21 -11.48
CA ASP A 382 -14.09 8.86 -11.36
C ASP A 382 -13.02 8.10 -12.12
N ILE A 383 -13.14 6.77 -12.21
CA ILE A 383 -12.07 5.99 -12.80
C ILE A 383 -11.90 6.31 -14.28
N ARG A 384 -13.01 6.46 -15.00
CA ARG A 384 -12.95 6.78 -16.42
C ARG A 384 -12.28 8.13 -16.68
N GLU A 385 -12.36 9.05 -15.73
CA GLU A 385 -11.64 10.31 -15.87
C GLU A 385 -10.13 10.11 -15.90
N GLY A 386 -9.64 8.98 -15.39
CA GLY A 386 -8.22 8.68 -15.48
C GLY A 386 -7.74 8.43 -16.90
N LEU A 387 -8.65 8.16 -17.84
CA LEU A 387 -8.24 7.95 -19.23
C LEU A 387 -7.59 9.18 -19.83
N ALA A 388 -7.98 10.38 -19.38
CA ALA A 388 -7.44 11.61 -19.96
C ALA A 388 -6.01 11.91 -19.50
N VAL A 389 -5.53 11.25 -18.46
CA VAL A 389 -4.17 11.50 -17.98
C VAL A 389 -3.17 10.89 -18.97
N PRO A 390 -2.18 11.64 -19.46
CA PRO A 390 -1.29 11.09 -20.49
C PRO A 390 -0.36 10.03 -19.94
N ILE A 391 0.01 9.09 -20.81
CA ILE A 391 0.97 8.07 -20.41
C ILE A 391 2.32 8.72 -20.20
N GLY A 392 2.98 8.40 -19.09
CA GLY A 392 4.23 9.05 -18.76
C GLY A 392 5.37 8.63 -19.68
N GLU A 393 6.33 9.55 -19.84
CA GLU A 393 7.44 9.27 -20.75
C GLU A 393 8.38 8.23 -20.17
N GLN A 394 8.46 8.14 -18.83
CA GLN A 394 9.33 7.15 -18.21
C GLN A 394 8.87 5.73 -18.57
N GLY A 395 7.56 5.47 -18.49
CA GLY A 395 7.06 4.16 -18.83
C GLY A 395 7.38 3.74 -20.25
N LEU A 396 7.20 4.64 -21.21
CA LEU A 396 7.50 4.31 -22.60
C LEU A 396 8.98 4.03 -22.81
N GLU A 397 9.85 4.71 -22.07
CA GLU A 397 11.28 4.44 -22.20
C GLU A 397 11.62 3.08 -21.59
N VAL A 398 10.97 2.72 -20.48
CA VAL A 398 11.21 1.42 -19.86
C VAL A 398 10.74 0.29 -20.77
N GLU A 399 9.60 0.47 -21.45
CA GLU A 399 9.12 -0.54 -22.37
C GLU A 399 10.14 -0.83 -23.48
N LYS A 400 10.83 0.20 -23.96
CA LYS A 400 11.83 -0.01 -25.01
C LYS A 400 12.98 -0.87 -24.48
N ILE A 401 13.40 -0.64 -23.24
CA ILE A 401 14.44 -1.47 -22.63
C ILE A 401 13.98 -2.91 -22.55
N LEU A 402 12.75 -3.14 -22.08
CA LEU A 402 12.25 -4.49 -21.87
C LEU A 402 12.06 -5.24 -23.18
N GLU A 403 11.74 -4.54 -24.27
CA GLU A 403 11.55 -5.21 -25.56
C GLU A 403 12.88 -5.63 -26.17
N LYS A 404 13.98 -4.95 -25.85
CA LYS A 404 15.29 -5.41 -26.30
C LYS A 404 15.78 -6.59 -25.47
N GLU A 405 15.46 -6.60 -24.18
CA GLU A 405 15.99 -7.62 -23.28
C GLU A 405 15.08 -8.84 -23.17
N PHE A 406 13.79 -8.70 -23.41
CA PHE A 406 12.86 -9.81 -23.40
C PHE A 406 12.07 -9.80 -24.70
N SER A 407 11.48 -10.95 -25.03
CA SER A 407 10.55 -11.04 -26.15
C SER A 407 9.19 -10.62 -25.63
N LEU A 408 8.76 -9.41 -25.97
CA LEU A 408 7.57 -8.80 -25.40
C LEU A 408 6.67 -8.31 -26.51
N ARG A 409 5.36 -8.44 -26.32
CA ARG A 409 4.39 -7.95 -27.29
C ARG A 409 3.21 -7.40 -26.52
N ASP A 410 2.89 -6.12 -26.75
CA ASP A 410 1.82 -5.45 -26.00
C ASP A 410 1.96 -5.71 -24.51
N GLY A 411 3.19 -5.61 -24.01
CA GLY A 411 3.44 -5.73 -22.58
C GLY A 411 3.46 -7.12 -22.02
N ILE A 412 3.42 -8.17 -22.86
CA ILE A 412 3.35 -9.54 -22.39
C ILE A 412 4.51 -10.36 -22.95
N GLY A 413 5.18 -11.11 -22.07
CA GLY A 413 6.20 -12.06 -22.48
C GLY A 413 6.33 -13.21 -21.50
N SER A 414 7.35 -14.04 -21.64
CA SER A 414 7.53 -15.21 -20.78
C SER A 414 8.92 -15.21 -20.17
N ILE A 415 9.00 -15.65 -18.91
CA ILE A 415 10.27 -15.98 -18.27
C ILE A 415 10.06 -17.31 -17.58
N GLU A 416 10.82 -18.33 -18.01
CA GLU A 416 10.66 -19.71 -17.52
C GLU A 416 9.18 -20.06 -17.67
N ASP A 417 8.51 -20.55 -16.62
CA ASP A 417 7.09 -20.86 -16.70
C ASP A 417 6.22 -19.77 -16.10
N TYR A 418 6.71 -18.54 -16.07
CA TYR A 418 5.93 -17.40 -15.62
C TYR A 418 5.60 -16.50 -16.81
N GLN A 419 4.52 -15.75 -16.68
CA GLN A 419 4.24 -14.66 -17.59
C GLN A 419 4.76 -13.37 -16.98
N LEU A 420 5.49 -12.60 -17.78
CA LEU A 420 5.88 -11.24 -17.46
C LEU A 420 4.89 -10.28 -18.09
N THR A 421 4.31 -9.39 -17.28
CA THR A 421 3.37 -8.40 -17.75
C THR A 421 3.85 -7.01 -17.34
N PHE A 422 3.93 -6.11 -18.32
CA PHE A 422 4.36 -4.74 -18.11
C PHE A 422 3.26 -3.79 -18.57
N ILE A 423 3.09 -2.68 -17.86
CA ILE A 423 2.33 -1.55 -18.39
C ILE A 423 3.04 -0.25 -18.03
N PRO A 424 2.94 0.76 -18.90
CA PRO A 424 3.38 2.10 -18.52
C PRO A 424 2.25 2.88 -17.87
N THR A 425 2.56 3.63 -16.82
CA THR A 425 1.52 4.30 -16.05
C THR A 425 1.11 5.63 -16.68
N LYS A 426 -0.09 6.07 -16.32
CA LYS A 426 -0.56 7.41 -16.63
C LYS A 426 -0.23 8.30 -15.43
N VAL A 427 0.62 9.29 -15.65
CA VAL A 427 1.21 10.07 -14.56
C VAL A 427 0.56 11.44 -14.48
N VAL A 428 -0.02 11.76 -13.32
CA VAL A 428 -0.60 13.07 -13.08
C VAL A 428 0.52 14.06 -12.82
N LYS A 429 0.49 15.20 -13.52
CA LYS A 429 1.60 16.15 -13.47
C LYS A 429 1.68 16.85 -12.12
N LYS A 430 0.54 17.24 -11.54
CA LYS A 430 0.52 17.85 -10.21
C LYS A 430 -0.52 17.14 -9.35
N PRO A 431 -0.18 16.00 -8.77
CA PRO A 431 -1.14 15.28 -7.93
C PRO A 431 -1.45 16.05 -6.66
N LYS A 432 -2.59 15.73 -6.07
CA LYS A 432 -2.96 16.42 -4.84
C LYS A 432 -2.18 15.86 -3.65
N SER A 433 -2.01 14.55 -3.62
CA SER A 433 -1.34 13.84 -2.54
C SER A 433 -0.98 12.46 -3.05
N THR A 434 -0.18 11.73 -2.26
CA THR A 434 0.24 10.39 -2.64
C THR A 434 -0.23 9.28 -1.71
N VAL A 435 -0.61 9.60 -0.47
CA VAL A 435 -0.99 8.55 0.47
C VAL A 435 -2.17 7.77 -0.07
N GLY A 436 -2.07 6.45 -0.03
CA GLY A 436 -3.15 5.60 -0.48
C GLY A 436 -3.09 5.15 -1.93
N ILE A 437 -2.24 5.76 -2.77
CA ILE A 437 -2.21 5.33 -4.17
C ILE A 437 -1.73 3.88 -4.27
N GLY A 438 -0.68 3.53 -3.52
CA GLY A 438 -0.21 2.14 -3.53
C GLY A 438 -1.31 1.15 -3.21
N ASP A 439 -2.06 1.41 -2.14
CA ASP A 439 -3.19 0.54 -1.77
C ASP A 439 -4.21 0.45 -2.90
N THR A 440 -4.50 1.59 -3.54
CA THR A 440 -5.44 1.61 -4.64
C THR A 440 -4.96 0.72 -5.79
N ILE A 441 -3.67 0.84 -6.12
CA ILE A 441 -3.07 0.02 -7.18
C ILE A 441 -3.19 -1.47 -6.85
N SER A 442 -2.66 -1.88 -5.69
CA SER A 442 -2.57 -3.31 -5.40
C SER A 442 -3.95 -3.95 -5.25
N SER A 443 -4.84 -3.32 -4.48
CA SER A 443 -6.16 -3.90 -4.31
C SER A 443 -6.92 -3.94 -5.65
N SER A 444 -6.86 -2.87 -6.43
CA SER A 444 -7.64 -2.83 -7.67
C SER A 444 -7.21 -3.94 -8.64
N ALA A 445 -5.90 -4.17 -8.77
CA ALA A 445 -5.41 -5.18 -9.70
C ALA A 445 -5.67 -6.59 -9.18
N PHE A 446 -5.37 -6.85 -7.91
CA PHE A 446 -5.58 -8.18 -7.35
C PHE A 446 -7.03 -8.61 -7.47
N VAL A 447 -7.96 -7.72 -7.09
CA VAL A 447 -9.38 -8.10 -7.11
C VAL A 447 -9.92 -8.15 -8.54
N SER A 448 -9.56 -7.17 -9.36
CA SER A 448 -10.13 -7.18 -10.72
C SER A 448 -9.63 -8.37 -11.50
N GLU A 449 -8.36 -8.73 -11.34
CA GLU A 449 -7.81 -9.90 -12.03
C GLU A 449 -8.59 -11.16 -11.66
N PHE A 450 -8.84 -11.37 -10.36
CA PHE A 450 -9.65 -12.51 -9.96
C PHE A 450 -11.03 -12.47 -10.62
N SER A 451 -11.65 -11.30 -10.65
CA SER A 451 -13.01 -11.20 -11.17
C SER A 451 -13.10 -11.53 -12.67
N LEU A 452 -11.98 -11.46 -13.40
CA LEU A 452 -11.98 -11.75 -14.83
C LEU A 452 -11.82 -13.24 -15.14
N HIS A 453 -11.28 -14.02 -14.21
N HIS A 453 -11.29 -14.02 -14.20
CA HIS A 453 -11.10 -15.47 -14.39
CA HIS A 453 -11.12 -15.47 -14.36
C HIS A 453 -10.38 -15.82 -15.68
C HIS A 453 -10.38 -15.81 -15.65
P 8BR B . 4.06 3.42 -3.02
O1P 8BR B . 4.10 1.93 -2.73
O2P 8BR B . 5.49 3.95 -3.20
O3P 8BR B . 3.14 4.15 -2.10
O5' 8BR B . 3.41 3.47 -4.46
C5' 8BR B . 2.70 4.61 -4.92
C4' 8BR B . 2.56 4.60 -6.42
O4' 8BR B . 1.71 5.71 -6.79
C3' 8BR B . 3.86 4.83 -7.21
O3' 8BR B . 4.56 3.63 -7.47
C2' 8BR B . 3.39 5.53 -8.48
O2' 8BR B . 3.20 4.59 -9.52
C1' 8BR B . 2.02 6.12 -8.10
N9 8BR B . 1.97 7.59 -8.19
C8 8BR B . 2.56 8.55 -7.40
BR8 8BR B . 3.45 8.17 -5.81
N7 8BR B . 2.42 9.77 -7.86
C5 8BR B . 1.67 9.61 -9.01
C6 8BR B . 1.21 10.53 -9.97
N6 8BR B . 1.48 11.83 -9.93
N1 8BR B . 0.51 10.05 -11.02
C2 8BR B . 0.27 8.73 -11.09
N3 8BR B . 0.66 7.77 -10.24
C4 8BR B . 1.36 8.27 -9.23
P 8BR C . 19.87 6.06 1.41
O1P 8BR C . 18.75 6.41 0.47
O2P 8BR C . 20.43 7.13 2.35
O3P 8BR C . 21.05 5.42 0.68
O5' 8BR C . 19.30 4.91 2.35
C5' 8BR C . 18.62 3.81 1.78
C4' 8BR C . 18.40 2.72 2.79
O4' 8BR C . 17.42 3.15 3.76
C3' 8BR C . 17.84 1.44 2.19
O3' 8BR C . 18.91 0.49 2.04
C2' 8BR C . 16.80 0.93 3.21
O2' 8BR C . 17.08 -0.33 3.78
C1' 8BR C . 16.73 2.04 4.27
N9 8BR C . 15.37 2.44 4.64
C8 8BR C . 14.85 2.50 5.91
BR8 8BR C . 15.83 2.00 7.41
N7 8BR C . 13.61 2.88 5.97
C5 8BR C . 13.26 3.07 4.65
C6 8BR C . 12.05 3.45 4.04
N6 8BR C . 10.92 3.70 4.72
N1 8BR C . 12.02 3.52 2.69
C2 8BR C . 13.13 3.23 2.01
N3 8BR C . 14.33 2.86 2.47
C4 8BR C . 14.33 2.81 3.81
C1 GLC D . 0.06 2.75 6.23
C2 GLC D . 0.01 3.90 7.23
C3 GLC D . -1.32 4.69 7.09
C4 GLC D . -1.67 4.98 5.62
C5 GLC D . -1.35 3.82 4.67
C6 GLC D . -1.37 4.25 3.20
O1 GLC D . -0.87 1.77 6.60
O2 GLC D . 0.21 3.45 8.53
O3 GLC D . -1.32 5.83 7.89
O4 GLC D . -3.01 5.40 5.55
O5 GLC D . -0.11 3.22 4.90
O6 GLC D . -1.39 3.16 2.36
#